data_3UQE
#
_entry.id   3UQE
#
_cell.length_a   43.838
_cell.length_b   89.123
_cell.length_c   175.908
_cell.angle_alpha   90.00
_cell.angle_beta   90.00
_cell.angle_gamma   90.00
#
_symmetry.space_group_name_H-M   'P 2 2 21'
#
loop_
_entity.id
_entity.type
_entity.pdbx_description
1 polymer '6-phosphofructokinase isozyme 2'
2 non-polymer "ADENOSINE-5'-TRIPHOSPHATE"
3 non-polymer 'MAGNESIUM ION'
4 non-polymer 'PYROPHOSPHATE 2-'
5 water water
#
_entity_poly.entity_id   1
_entity_poly.type   'polypeptide(L)'
_entity_poly.pdbx_seq_one_letter_code
;MVRIYTLTLAPSLDSATITPQIDPEGKLRCTAPVFEPGGGGINVARAIAHLGGSATAIFPAGGATGEHLVSLLADENVPV
ATVEAKDWTRQNLHVHVEASGEQYRFVMPGAALNEDEFRQLEEQVLEIESGAILVISGSLPPGVKLEKLTQLISAAQKQG
IRCIVDSSGEALSAALAIGNIELVKPNQKELSALVNRELTQPDDVRKAAQEIVNSGKAKRVVVSLGPQGALGVDSENCIQ
VVPPPVKSQSTVGAGDSMVGAMTLKLAENASLEEMVRFGVAAGSAATLNQGTRLCSHDDTQKIYAYLSR
;
_entity_poly.pdbx_strand_id   A,B
#
# COMPACT_ATOMS: atom_id res chain seq x y z
N MET A 1 28.61 -3.89 -21.76
CA MET A 1 27.70 -4.48 -20.80
C MET A 1 27.76 -6.00 -20.88
N VAL A 2 27.87 -6.65 -19.73
CA VAL A 2 27.93 -8.11 -19.66
C VAL A 2 26.63 -8.74 -20.16
N ARG A 3 26.68 -10.04 -20.45
CA ARG A 3 25.49 -10.75 -20.89
C ARG A 3 24.62 -11.19 -19.71
N ILE A 4 23.32 -11.29 -19.95
CA ILE A 4 22.37 -11.60 -18.90
C ILE A 4 21.59 -12.85 -19.26
N TYR A 5 21.50 -13.77 -18.31
CA TYR A 5 20.75 -15.00 -18.47
C TYR A 5 19.82 -15.16 -17.28
N THR A 6 18.66 -15.78 -17.51
CA THR A 6 17.78 -16.12 -16.41
C THR A 6 17.51 -17.61 -16.37
N LEU A 7 17.22 -18.12 -15.18
CA LEU A 7 16.90 -19.53 -15.03
C LEU A 7 15.54 -19.72 -14.38
N THR A 8 14.70 -20.52 -15.00
CA THR A 8 13.37 -20.81 -14.46
C THR A 8 13.17 -22.31 -14.40
N LEU A 9 13.38 -22.90 -13.23
CA LEU A 9 13.24 -24.34 -13.06
C LEU A 9 11.78 -24.78 -13.11
N ALA A 10 10.87 -23.86 -12.81
CA ALA A 10 9.44 -24.15 -12.84
C ALA A 10 8.68 -23.13 -13.68
N PRO A 11 8.80 -23.24 -15.02
CA PRO A 11 8.08 -22.33 -15.92
C PRO A 11 6.62 -22.73 -16.02
N SER A 12 5.83 -21.93 -16.73
CA SER A 12 4.40 -22.14 -16.75
C SER A 12 3.79 -21.62 -18.06
N LEU A 13 2.75 -22.29 -18.54
CA LEU A 13 1.92 -21.74 -19.59
C LEU A 13 0.60 -21.32 -18.96
N ASP A 14 0.48 -20.05 -18.62
CA ASP A 14 -0.67 -19.58 -17.86
C ASP A 14 -1.83 -19.21 -18.77
N SER A 15 -3.04 -19.46 -18.31
CA SER A 15 -4.22 -19.12 -19.08
C SER A 15 -5.03 -18.03 -18.40
N ALA A 16 -5.27 -16.94 -19.12
CA ALA A 16 -6.10 -15.87 -18.62
C ALA A 16 -7.53 -16.00 -19.17
N THR A 17 -8.50 -16.08 -18.28
CA THR A 17 -9.89 -16.23 -18.69
C THR A 17 -10.81 -15.27 -17.93
N ILE A 18 -12.01 -15.08 -18.47
CA ILE A 18 -12.99 -14.19 -17.88
C ILE A 18 -14.27 -14.95 -17.54
N THR A 19 -14.78 -14.71 -16.35
CA THR A 19 -16.06 -15.28 -15.93
C THR A 19 -16.89 -14.15 -15.31
N PRO A 20 -18.22 -14.19 -15.49
CA PRO A 20 -19.06 -13.08 -15.02
C PRO A 20 -19.01 -12.86 -13.50
N GLN A 21 -19.31 -13.90 -12.74
CA GLN A 21 -19.34 -13.81 -11.29
C GLN A 21 -18.54 -14.96 -10.68
N ILE A 22 -18.06 -14.76 -9.46
CA ILE A 22 -17.40 -15.84 -8.74
C ILE A 22 -18.17 -16.24 -7.48
N ASP A 23 -18.50 -17.52 -7.38
CA ASP A 23 -19.23 -18.04 -6.23
C ASP A 23 -19.13 -19.57 -6.20
N PRO A 24 -19.18 -20.17 -5.01
CA PRO A 24 -19.03 -21.62 -4.91
C PRO A 24 -20.20 -22.38 -5.51
N GLU A 25 -20.13 -23.72 -5.44
CA GLU A 25 -21.20 -24.61 -5.91
C GLU A 25 -21.35 -24.70 -7.43
N GLY A 26 -21.81 -23.62 -8.05
CA GLY A 26 -22.14 -23.63 -9.46
C GLY A 26 -20.97 -23.74 -10.42
N LYS A 27 -21.26 -24.06 -11.67
CA LYS A 27 -20.25 -24.04 -12.73
C LYS A 27 -19.96 -22.58 -13.07
N LEU A 28 -18.68 -22.22 -13.03
CA LEU A 28 -18.29 -20.88 -13.44
C LEU A 28 -17.78 -20.94 -14.88
N ARG A 29 -18.63 -20.54 -15.82
CA ARG A 29 -18.29 -20.62 -17.24
C ARG A 29 -17.22 -19.61 -17.59
N CYS A 30 -16.09 -20.10 -18.09
CA CYS A 30 -14.95 -19.26 -18.39
C CYS A 30 -14.73 -19.11 -19.91
N THR A 31 -14.40 -17.91 -20.35
CA THR A 31 -14.09 -17.68 -21.77
C THR A 31 -12.84 -18.44 -22.20
N ALA A 32 -12.73 -18.67 -23.50
CA ALA A 32 -11.55 -19.31 -24.10
C ALA A 32 -10.27 -18.68 -23.57
N PRO A 33 -9.34 -19.51 -23.08
CA PRO A 33 -8.11 -19.03 -22.43
C PRO A 33 -7.28 -18.17 -23.36
N VAL A 34 -6.60 -17.18 -22.81
CA VAL A 34 -5.56 -16.46 -23.54
C VAL A 34 -4.23 -16.76 -22.84
N PHE A 35 -3.31 -17.38 -23.58
CA PHE A 35 -2.09 -17.93 -22.99
C PHE A 35 -1.03 -16.85 -22.77
N GLU A 36 -0.25 -17.01 -21.70
CA GLU A 36 0.82 -16.06 -21.41
C GLU A 36 2.01 -16.74 -20.71
N PRO A 37 3.23 -16.24 -20.96
CA PRO A 37 4.45 -16.83 -20.38
C PRO A 37 4.45 -16.71 -18.87
N GLY A 38 4.73 -17.81 -18.18
CA GLY A 38 4.75 -17.83 -16.74
C GLY A 38 6.08 -18.33 -16.21
N GLY A 39 6.48 -17.84 -15.04
CA GLY A 39 7.75 -18.22 -14.45
C GLY A 39 8.58 -17.02 -14.06
N GLY A 40 9.28 -17.13 -12.93
CA GLY A 40 10.09 -16.03 -12.43
C GLY A 40 11.13 -15.51 -13.41
N GLY A 41 12.09 -16.36 -13.76
CA GLY A 41 13.18 -15.94 -14.63
C GLY A 41 12.74 -15.62 -16.04
N ILE A 42 11.67 -16.26 -16.50
CA ILE A 42 11.11 -15.93 -17.80
C ILE A 42 10.61 -14.49 -17.81
N ASN A 43 9.83 -14.13 -16.80
CA ASN A 43 9.30 -12.78 -16.69
C ASN A 43 10.37 -11.72 -16.39
N VAL A 44 11.48 -12.12 -15.77
CA VAL A 44 12.61 -11.21 -15.60
C VAL A 44 13.20 -10.90 -16.97
N ALA A 45 13.30 -11.93 -17.80
CA ALA A 45 13.82 -11.78 -19.16
C ALA A 45 12.87 -10.98 -20.05
N ARG A 46 11.57 -11.08 -19.80
CA ARG A 46 10.57 -10.34 -20.57
C ARG A 46 10.62 -8.87 -20.18
N ALA A 47 10.74 -8.61 -18.88
CA ALA A 47 10.84 -7.25 -18.38
C ALA A 47 12.09 -6.55 -18.89
N ILE A 48 13.21 -7.28 -18.91
CA ILE A 48 14.47 -6.75 -19.44
C ILE A 48 14.32 -6.37 -20.92
N ALA A 49 13.64 -7.20 -21.68
CA ALA A 49 13.34 -6.91 -23.08
C ALA A 49 12.54 -5.62 -23.21
N HIS A 50 11.49 -5.48 -22.41
CA HIS A 50 10.66 -4.28 -22.41
C HIS A 50 11.49 -3.04 -22.09
N LEU A 51 12.45 -3.19 -21.20
CA LEU A 51 13.28 -2.08 -20.76
C LEU A 51 14.39 -1.79 -21.76
N GLY A 52 14.36 -2.47 -22.89
CA GLY A 52 15.30 -2.23 -23.96
C GLY A 52 16.59 -3.02 -23.83
N GLY A 53 16.61 -3.93 -22.86
CA GLY A 53 17.77 -4.76 -22.63
C GLY A 53 17.65 -6.10 -23.34
N SER A 54 18.53 -7.03 -22.98
CA SER A 54 18.47 -8.38 -23.53
C SER A 54 18.90 -9.42 -22.50
N ALA A 55 18.14 -10.51 -22.40
CA ALA A 55 18.46 -11.59 -21.47
C ALA A 55 17.96 -12.90 -22.06
N THR A 56 18.81 -13.92 -22.00
CA THR A 56 18.42 -15.24 -22.49
C THR A 56 17.78 -16.04 -21.38
N ALA A 57 16.56 -16.52 -21.62
CA ALA A 57 15.82 -17.31 -20.64
C ALA A 57 16.07 -18.80 -20.76
N ILE A 58 16.72 -19.38 -19.75
CA ILE A 58 16.95 -20.82 -19.70
C ILE A 58 15.85 -21.49 -18.88
N PHE A 59 15.16 -22.45 -19.49
CA PHE A 59 14.07 -23.14 -18.80
C PHE A 59 13.77 -24.48 -19.46
N PRO A 60 13.15 -25.41 -18.71
CA PRO A 60 12.69 -26.67 -19.32
C PRO A 60 11.34 -26.49 -20.00
N ALA A 61 11.04 -27.31 -21.00
CA ALA A 61 9.77 -27.22 -21.70
C ALA A 61 9.32 -28.58 -22.25
N GLY A 62 8.10 -28.97 -21.91
CA GLY A 62 7.56 -30.25 -22.36
C GLY A 62 6.17 -30.15 -22.95
N GLY A 63 5.95 -30.91 -24.02
CA GLY A 63 4.64 -31.00 -24.64
C GLY A 63 4.21 -29.79 -25.42
N ALA A 64 2.98 -29.84 -25.94
CA ALA A 64 2.43 -28.77 -26.76
C ALA A 64 2.36 -27.46 -25.98
N THR A 65 2.21 -27.56 -24.66
CA THR A 65 2.21 -26.38 -23.81
C THR A 65 3.60 -25.79 -23.72
N GLY A 66 4.61 -26.67 -23.69
CA GLY A 66 5.99 -26.22 -23.68
C GLY A 66 6.28 -25.47 -24.97
N GLU A 67 5.85 -26.05 -26.09
CA GLU A 67 6.06 -25.44 -27.39
C GLU A 67 5.38 -24.08 -27.51
N HIS A 68 4.23 -23.91 -26.86
CA HIS A 68 3.52 -22.65 -26.93
CA HIS A 68 3.52 -22.66 -26.92
C HIS A 68 4.15 -21.60 -26.02
N LEU A 69 4.77 -22.04 -24.92
CA LEU A 69 5.49 -21.11 -24.06
C LEU A 69 6.67 -20.54 -24.85
N VAL A 70 7.43 -21.44 -25.46
CA VAL A 70 8.57 -21.08 -26.28
C VAL A 70 8.18 -20.15 -27.43
N SER A 71 7.07 -20.47 -28.08
CA SER A 71 6.59 -19.67 -29.21
C SER A 71 6.09 -18.30 -28.78
N LEU A 72 5.53 -18.22 -27.57
CA LEU A 72 5.08 -16.94 -27.02
C LEU A 72 6.26 -15.99 -26.82
N LEU A 73 7.37 -16.53 -26.35
CA LEU A 73 8.56 -15.75 -26.08
C LEU A 73 9.27 -15.38 -27.38
N ALA A 74 9.18 -16.27 -28.36
CA ALA A 74 9.70 -15.98 -29.70
C ALA A 74 9.05 -14.71 -30.25
N ASP A 75 7.73 -14.64 -30.15
CA ASP A 75 6.96 -13.49 -30.63
C ASP A 75 7.28 -12.21 -29.88
N GLU A 76 7.93 -12.35 -28.73
CA GLU A 76 8.32 -11.22 -27.91
C GLU A 76 9.81 -10.87 -28.05
N ASN A 77 10.48 -11.56 -28.97
CA ASN A 77 11.92 -11.35 -29.19
C ASN A 77 12.75 -11.55 -27.92
N VAL A 78 12.31 -12.49 -27.09
CA VAL A 78 13.08 -12.91 -25.92
C VAL A 78 13.88 -14.14 -26.29
N PRO A 79 15.22 -14.03 -26.30
CA PRO A 79 16.05 -15.19 -26.61
C PRO A 79 15.85 -16.28 -25.56
N VAL A 80 15.76 -17.54 -26.00
CA VAL A 80 15.61 -18.64 -25.06
C VAL A 80 16.69 -19.69 -25.24
N ALA A 81 16.82 -20.55 -24.23
CA ALA A 81 17.64 -21.74 -24.32
C ALA A 81 16.92 -22.81 -23.54
N THR A 82 16.37 -23.80 -24.24
CA THR A 82 15.48 -24.74 -23.57
C THR A 82 16.00 -26.18 -23.54
N VAL A 83 15.54 -26.91 -22.53
CA VAL A 83 15.80 -28.33 -22.39
C VAL A 83 14.46 -29.04 -22.49
N GLU A 84 14.39 -30.07 -23.32
CA GLU A 84 13.15 -30.83 -23.46
C GLU A 84 12.89 -31.71 -22.24
N ALA A 85 11.75 -31.51 -21.59
CA ALA A 85 11.38 -32.30 -20.43
C ALA A 85 10.29 -33.29 -20.83
N LYS A 86 10.18 -34.40 -20.10
CA LYS A 86 9.17 -35.42 -20.39
C LYS A 86 7.78 -35.01 -19.90
N ASP A 87 7.73 -34.48 -18.67
CA ASP A 87 6.46 -34.05 -18.09
C ASP A 87 6.02 -32.73 -18.72
N TRP A 88 4.73 -32.62 -19.05
CA TRP A 88 4.23 -31.45 -19.76
C TRP A 88 4.24 -30.18 -18.92
N THR A 89 4.62 -29.06 -19.55
CA THR A 89 4.68 -27.76 -18.92
C THR A 89 3.34 -27.41 -18.28
N ARG A 90 3.37 -27.01 -17.00
CA ARG A 90 2.18 -26.73 -16.19
CA ARG A 90 2.11 -26.82 -16.30
C ARG A 90 1.40 -25.52 -16.67
N GLN A 91 0.19 -25.38 -16.13
CA GLN A 91 -0.67 -24.25 -16.43
C GLN A 91 -1.34 -23.73 -15.17
N ASN A 92 -0.96 -22.54 -14.74
CA ASN A 92 -1.70 -21.84 -13.69
C ASN A 92 -2.87 -21.11 -14.32
N LEU A 93 -3.86 -20.74 -13.51
CA LEU A 93 -5.06 -20.12 -14.04
C LEU A 93 -5.24 -18.71 -13.49
N HIS A 94 -5.46 -17.76 -14.39
CA HIS A 94 -5.77 -16.39 -13.99
C HIS A 94 -7.19 -16.05 -14.40
N VAL A 95 -8.02 -15.72 -13.41
CA VAL A 95 -9.44 -15.53 -13.67
C VAL A 95 -9.87 -14.09 -13.43
N HIS A 96 -10.32 -13.43 -14.48
CA HIS A 96 -10.87 -12.08 -14.33
C HIS A 96 -12.37 -12.17 -14.10
N VAL A 97 -12.81 -11.57 -13.00
CA VAL A 97 -14.24 -11.55 -12.65
C VAL A 97 -14.87 -10.22 -13.05
N GLU A 98 -15.71 -10.24 -14.08
CA GLU A 98 -16.33 -9.03 -14.61
C GLU A 98 -17.09 -8.22 -13.58
N ALA A 99 -17.97 -8.87 -12.83
CA ALA A 99 -18.85 -8.20 -11.86
C ALA A 99 -18.12 -7.24 -10.92
N SER A 100 -16.97 -7.67 -10.41
CA SER A 100 -16.21 -6.86 -9.46
C SER A 100 -14.97 -6.27 -10.12
N GLY A 101 -14.60 -6.78 -11.28
CA GLY A 101 -13.41 -6.33 -11.98
C GLY A 101 -12.15 -6.88 -11.36
N GLU A 102 -12.29 -7.90 -10.52
CA GLU A 102 -11.16 -8.48 -9.80
C GLU A 102 -10.47 -9.59 -10.59
N GLN A 103 -9.23 -9.88 -10.21
CA GLN A 103 -8.48 -10.97 -10.82
C GLN A 103 -8.06 -11.96 -9.74
N TYR A 104 -8.22 -13.24 -10.04
CA TYR A 104 -7.78 -14.30 -9.14
C TYR A 104 -6.67 -15.11 -9.82
N ARG A 105 -5.64 -15.46 -9.06
CA ARG A 105 -4.52 -16.21 -9.60
C ARG A 105 -4.34 -17.51 -8.85
N PHE A 106 -4.55 -18.63 -9.53
CA PHE A 106 -4.42 -19.93 -8.91
C PHE A 106 -3.10 -20.56 -9.34
N VAL A 107 -2.15 -20.59 -8.40
CA VAL A 107 -0.75 -20.91 -8.71
C VAL A 107 -0.36 -22.30 -8.23
N MET A 108 -0.19 -23.21 -9.17
CA MET A 108 0.14 -24.60 -8.88
C MET A 108 1.62 -24.86 -9.13
N PRO A 109 2.17 -25.94 -8.54
CA PRO A 109 3.58 -26.30 -8.73
C PRO A 109 3.96 -26.52 -10.19
N GLY A 110 5.24 -26.35 -10.50
CA GLY A 110 5.73 -26.58 -11.85
C GLY A 110 5.81 -28.08 -12.15
N ALA A 111 5.93 -28.42 -13.42
CA ALA A 111 6.07 -29.82 -13.83
C ALA A 111 7.34 -30.42 -13.25
N ALA A 112 7.36 -31.74 -13.13
CA ALA A 112 8.50 -32.42 -12.54
C ALA A 112 9.70 -32.38 -13.48
N LEU A 113 10.89 -32.41 -12.89
CA LEU A 113 12.12 -32.56 -13.63
C LEU A 113 12.81 -33.81 -13.16
N ASN A 114 13.15 -34.72 -14.06
CA ASN A 114 13.99 -35.85 -13.66
C ASN A 114 15.45 -35.40 -13.60
N GLU A 115 16.32 -36.25 -13.09
CA GLU A 115 17.70 -35.87 -12.85
C GLU A 115 18.50 -35.61 -14.13
N ASP A 116 18.07 -36.22 -15.23
CA ASP A 116 18.77 -36.02 -16.49
C ASP A 116 18.43 -34.64 -17.06
N GLU A 117 17.15 -34.29 -17.01
CA GLU A 117 16.70 -33.00 -17.49
C GLU A 117 17.32 -31.86 -16.66
N PHE A 118 17.52 -32.10 -15.37
CA PHE A 118 18.19 -31.10 -14.55
C PHE A 118 19.66 -30.97 -14.95
N ARG A 119 20.31 -32.10 -15.22
CA ARG A 119 21.71 -32.11 -15.62
C ARG A 119 21.92 -31.27 -16.87
N GLN A 120 20.98 -31.35 -17.80
CA GLN A 120 21.08 -30.60 -19.04
C GLN A 120 20.92 -29.09 -18.80
N LEU A 121 20.10 -28.75 -17.81
CA LEU A 121 19.87 -27.35 -17.48
C LEU A 121 21.11 -26.73 -16.87
N GLU A 122 21.77 -27.48 -15.99
CA GLU A 122 23.01 -27.04 -15.38
C GLU A 122 24.11 -26.92 -16.43
N GLU A 123 24.11 -27.86 -17.38
CA GLU A 123 25.07 -27.84 -18.47
C GLU A 123 24.91 -26.57 -19.31
N GLN A 124 23.67 -26.15 -19.51
CA GLN A 124 23.40 -24.92 -20.23
C GLN A 124 23.83 -23.71 -19.43
N VAL A 125 23.61 -23.77 -18.12
CA VAL A 125 24.04 -22.70 -17.20
C VAL A 125 25.55 -22.58 -17.21
N LEU A 126 26.25 -23.71 -17.19
CA LEU A 126 27.72 -23.69 -17.13
C LEU A 126 28.38 -23.35 -18.46
N GLU A 127 27.58 -23.13 -19.50
CA GLU A 127 28.10 -22.64 -20.77
C GLU A 127 28.19 -21.11 -20.74
N ILE A 128 27.58 -20.50 -19.72
CA ILE A 128 27.64 -19.05 -19.53
C ILE A 128 29.05 -18.63 -19.15
N GLU A 129 29.58 -17.60 -19.80
CA GLU A 129 30.95 -17.17 -19.55
C GLU A 129 31.10 -16.40 -18.23
N SER A 130 32.33 -16.41 -17.72
CA SER A 130 32.68 -15.67 -16.50
C SER A 130 32.35 -14.19 -16.65
N GLY A 131 31.83 -13.59 -15.59
CA GLY A 131 31.54 -12.16 -15.59
C GLY A 131 30.12 -11.86 -16.02
N ALA A 132 29.48 -12.80 -16.72
CA ALA A 132 28.09 -12.62 -17.13
C ALA A 132 27.18 -12.80 -15.92
N ILE A 133 25.92 -12.41 -16.06
CA ILE A 133 24.97 -12.40 -14.96
C ILE A 133 23.87 -13.45 -15.14
N LEU A 134 23.61 -14.20 -14.08
CA LEU A 134 22.56 -15.21 -14.11
C LEU A 134 21.50 -14.92 -13.05
N VAL A 135 20.26 -14.77 -13.49
CA VAL A 135 19.17 -14.56 -12.55
C VAL A 135 18.38 -15.84 -12.30
N ILE A 136 18.41 -16.33 -11.08
CA ILE A 136 17.68 -17.53 -10.71
C ILE A 136 16.41 -17.10 -10.00
N SER A 137 15.27 -17.26 -10.64
CA SER A 137 14.01 -16.73 -10.11
C SER A 137 12.86 -17.73 -10.20
N GLY A 138 12.14 -17.88 -9.08
CA GLY A 138 10.96 -18.71 -9.07
C GLY A 138 11.08 -19.90 -8.14
N SER A 139 10.00 -20.66 -8.03
CA SER A 139 9.93 -21.81 -7.14
C SER A 139 10.75 -22.99 -7.66
N LEU A 140 10.96 -23.96 -6.78
CA LEU A 140 11.64 -25.20 -7.15
C LEU A 140 10.60 -26.28 -7.46
N PRO A 141 10.71 -26.90 -8.65
CA PRO A 141 9.77 -27.92 -9.08
C PRO A 141 10.04 -29.27 -8.41
N PRO A 142 9.04 -30.16 -8.37
CA PRO A 142 9.19 -31.52 -7.85
C PRO A 142 10.26 -32.30 -8.60
N GLY A 143 10.99 -33.16 -7.90
CA GLY A 143 12.00 -34.00 -8.53
C GLY A 143 13.39 -33.42 -8.44
N VAL A 144 13.50 -32.22 -7.86
CA VAL A 144 14.79 -31.59 -7.67
C VAL A 144 15.07 -31.41 -6.19
N LYS A 145 16.18 -31.98 -5.72
CA LYS A 145 16.61 -31.78 -4.34
C LYS A 145 17.11 -30.35 -4.16
N LEU A 146 16.98 -29.84 -2.94
CA LEU A 146 17.48 -28.51 -2.61
C LEU A 146 18.99 -28.45 -2.82
N GLU A 147 19.67 -29.57 -2.58
CA GLU A 147 21.11 -29.65 -2.73
C GLU A 147 21.53 -29.45 -4.18
N LYS A 148 20.70 -29.91 -5.11
CA LYS A 148 20.98 -29.73 -6.53
C LYS A 148 21.01 -28.25 -6.89
N LEU A 149 20.11 -27.46 -6.30
CA LEU A 149 20.08 -26.02 -6.54
C LEU A 149 21.33 -25.32 -5.99
N THR A 150 21.73 -25.70 -4.78
CA THR A 150 22.92 -25.11 -4.16
C THR A 150 24.18 -25.47 -4.95
N GLN A 151 24.27 -26.72 -5.38
CA GLN A 151 25.42 -27.17 -6.15
C GLN A 151 25.53 -26.42 -7.48
N LEU A 152 24.38 -26.13 -8.08
CA LEU A 152 24.33 -25.39 -9.33
C LEU A 152 24.87 -23.97 -9.13
N ILE A 153 24.49 -23.34 -8.04
CA ILE A 153 24.94 -21.98 -7.77
C ILE A 153 26.42 -21.94 -7.43
N SER A 154 26.89 -22.98 -6.75
CA SER A 154 28.31 -23.07 -6.38
C SER A 154 29.15 -23.24 -7.63
N ALA A 155 28.71 -24.12 -8.53
CA ALA A 155 29.43 -24.39 -9.78
C ALA A 155 29.51 -23.16 -10.66
N ALA A 156 28.38 -22.45 -10.78
CA ALA A 156 28.33 -21.24 -11.60
C ALA A 156 29.21 -20.14 -11.04
N GLN A 157 29.18 -19.98 -9.72
CA GLN A 157 30.01 -19.01 -9.03
C GLN A 157 31.49 -19.34 -9.21
N LYS A 158 31.80 -20.63 -9.22
CA LYS A 158 33.19 -21.10 -9.30
C LYS A 158 33.82 -20.71 -10.63
N GLN A 159 33.00 -20.53 -11.66
CA GLN A 159 33.52 -20.10 -12.95
C GLN A 159 33.15 -18.66 -13.28
N GLY A 160 32.93 -17.87 -12.24
CA GLY A 160 32.80 -16.43 -12.37
C GLY A 160 31.47 -15.88 -12.83
N ILE A 161 30.43 -16.71 -12.83
CA ILE A 161 29.09 -16.25 -13.17
C ILE A 161 28.45 -15.57 -11.97
N ARG A 162 28.05 -14.30 -12.14
CA ARG A 162 27.49 -13.52 -11.06
C ARG A 162 26.00 -13.82 -10.90
N CYS A 163 25.61 -14.29 -9.71
CA CYS A 163 24.25 -14.79 -9.51
C CYS A 163 23.31 -13.85 -8.76
N ILE A 164 22.12 -13.67 -9.31
CA ILE A 164 21.04 -12.94 -8.66
C ILE A 164 19.92 -13.92 -8.34
N VAL A 165 19.38 -13.82 -7.13
CA VAL A 165 18.39 -14.78 -6.65
C VAL A 165 17.08 -14.12 -6.20
N ASP A 166 15.97 -14.64 -6.69
CA ASP A 166 14.65 -14.27 -6.21
C ASP A 166 13.83 -15.54 -6.03
N SER A 167 13.53 -15.88 -4.79
CA SER A 167 12.82 -17.10 -4.51
C SER A 167 12.17 -16.98 -3.14
N SER A 168 11.81 -18.12 -2.55
CA SER A 168 11.16 -18.13 -1.25
C SER A 168 11.29 -19.49 -0.59
N GLY A 169 10.77 -19.61 0.63
CA GLY A 169 10.79 -20.86 1.36
C GLY A 169 12.19 -21.42 1.53
N GLU A 170 12.27 -22.74 1.48
CA GLU A 170 13.53 -23.44 1.69
C GLU A 170 14.50 -23.22 0.53
N ALA A 171 13.95 -22.98 -0.66
CA ALA A 171 14.76 -22.77 -1.85
C ALA A 171 15.62 -21.50 -1.73
N LEU A 172 15.03 -20.44 -1.20
CA LEU A 172 15.75 -19.19 -1.01
C LEU A 172 16.87 -19.36 0.01
N SER A 173 16.58 -20.09 1.08
CA SER A 173 17.59 -20.39 2.10
C SER A 173 18.80 -21.10 1.50
N ALA A 174 18.54 -22.10 0.67
CA ALA A 174 19.60 -22.92 0.06
C ALA A 174 20.41 -22.14 -0.98
N ALA A 175 19.76 -21.22 -1.68
CA ALA A 175 20.47 -20.37 -2.63
C ALA A 175 21.47 -19.48 -1.90
N LEU A 176 21.10 -19.08 -0.68
CA LEU A 176 21.94 -18.23 0.15
C LEU A 176 22.88 -19.05 1.04
N ALA A 177 22.82 -20.37 0.91
CA ALA A 177 23.60 -21.25 1.77
C ALA A 177 25.11 -21.06 1.63
N ILE A 178 25.59 -21.04 0.40
CA ILE A 178 27.03 -20.93 0.17
C ILE A 178 27.48 -19.46 0.04
N GLY A 179 26.52 -18.55 0.10
CA GLY A 179 26.82 -17.13 0.15
C GLY A 179 27.28 -16.51 -1.15
N ASN A 180 27.70 -15.24 -1.05
CA ASN A 180 28.24 -14.46 -2.16
C ASN A 180 27.31 -14.21 -3.34
N ILE A 181 26.00 -14.25 -3.09
CA ILE A 181 25.02 -13.86 -4.10
C ILE A 181 25.18 -12.36 -4.33
N GLU A 182 25.13 -11.94 -5.59
CA GLU A 182 25.27 -10.52 -5.92
C GLU A 182 24.10 -9.68 -5.41
N LEU A 183 22.89 -10.25 -5.51
CA LEU A 183 21.68 -9.54 -5.16
C LEU A 183 20.53 -10.51 -4.90
N VAL A 184 19.83 -10.31 -3.80
CA VAL A 184 18.58 -11.04 -3.53
C VAL A 184 17.45 -10.04 -3.31
N LYS A 185 16.27 -10.30 -3.87
CA LYS A 185 15.13 -9.43 -3.62
C LYS A 185 14.01 -10.17 -2.92
N PRO A 186 14.08 -10.26 -1.59
CA PRO A 186 12.94 -10.80 -0.87
C PRO A 186 11.91 -9.70 -0.68
N ASN A 187 10.63 -10.06 -0.63
CA ASN A 187 9.64 -9.11 -0.12
C ASN A 187 9.63 -9.24 1.40
N GLN A 188 8.71 -8.55 2.07
CA GLN A 188 8.65 -8.56 3.52
C GLN A 188 8.39 -9.96 4.10
N LYS A 189 7.51 -10.72 3.46
CA LYS A 189 7.20 -12.08 3.87
C LYS A 189 8.41 -13.00 3.73
N GLU A 190 9.09 -12.90 2.59
CA GLU A 190 10.25 -13.74 2.31
C GLU A 190 11.46 -13.41 3.20
N LEU A 191 11.61 -12.13 3.54
CA LEU A 191 12.69 -11.70 4.42
C LEU A 191 12.46 -12.24 5.83
N SER A 192 11.23 -12.15 6.30
CA SER A 192 10.86 -12.64 7.61
C SER A 192 11.15 -14.15 7.78
N ALA A 193 10.74 -14.94 6.80
CA ALA A 193 10.96 -16.37 6.83
C ALA A 193 12.45 -16.70 6.75
N LEU A 194 13.15 -16.01 5.84
CA LEU A 194 14.58 -16.23 5.62
C LEU A 194 15.39 -16.02 6.89
N VAL A 195 15.09 -14.95 7.60
CA VAL A 195 15.82 -14.62 8.83
C VAL A 195 15.14 -15.31 10.03
N ASN A 196 14.01 -15.94 9.77
CA ASN A 196 13.29 -16.75 10.75
C ASN A 196 12.88 -16.01 12.03
N ARG A 197 12.22 -14.88 11.87
CA ARG A 197 11.68 -14.13 13.01
C ARG A 197 10.75 -13.01 12.58
N GLU A 198 9.99 -12.51 13.53
CA GLU A 198 9.05 -11.42 13.29
C GLU A 198 9.76 -10.08 13.04
N LEU A 199 9.29 -9.36 12.02
CA LEU A 199 9.78 -8.02 11.75
C LEU A 199 8.66 -7.01 12.05
N THR A 200 8.53 -6.63 13.31
CA THR A 200 7.41 -5.81 13.75
C THR A 200 7.79 -4.40 14.20
N GLN A 201 9.06 -4.20 14.54
CA GLN A 201 9.54 -2.87 14.94
C GLN A 201 9.91 -2.07 13.70
N PRO A 202 9.86 -0.72 13.80
CA PRO A 202 10.23 0.16 12.69
C PRO A 202 11.55 -0.15 11.99
N ASP A 203 12.57 -0.54 12.75
CA ASP A 203 13.90 -0.72 12.19
C ASP A 203 14.27 -2.17 11.84
N ASP A 204 13.34 -3.10 12.10
CA ASP A 204 13.63 -4.53 11.93
C ASP A 204 14.03 -4.93 10.51
N VAL A 205 13.25 -4.51 9.52
CA VAL A 205 13.51 -4.90 8.13
C VAL A 205 14.92 -4.48 7.71
N ARG A 206 15.30 -3.26 8.06
CA ARG A 206 16.63 -2.76 7.72
C ARG A 206 17.69 -3.62 8.39
N LYS A 207 17.55 -3.86 9.69
CA LYS A 207 18.47 -4.70 10.44
C LYS A 207 18.54 -6.13 9.92
N ALA A 208 17.40 -6.70 9.55
CA ALA A 208 17.37 -8.03 8.97
C ALA A 208 18.14 -8.07 7.66
N ALA A 209 17.97 -7.04 6.84
CA ALA A 209 18.65 -6.93 5.56
C ALA A 209 20.15 -6.81 5.76
N GLN A 210 20.55 -5.99 6.72
CA GLN A 210 21.96 -5.75 6.99
C GLN A 210 22.64 -7.02 7.48
N GLU A 211 21.91 -7.77 8.30
CA GLU A 211 22.41 -9.04 8.84
C GLU A 211 22.78 -10.03 7.73
N ILE A 212 21.97 -10.08 6.69
CA ILE A 212 22.22 -10.96 5.55
C ILE A 212 23.46 -10.52 4.79
N VAL A 213 23.68 -9.22 4.69
CA VAL A 213 24.86 -8.70 4.03
C VAL A 213 26.12 -9.00 4.86
N ASN A 214 26.09 -8.62 6.13
CA ASN A 214 27.24 -8.82 7.02
C ASN A 214 27.65 -10.28 7.17
N SER A 215 26.71 -11.20 6.94
CA SER A 215 26.98 -12.63 7.05
C SER A 215 27.66 -13.16 5.78
N GLY A 216 27.61 -12.38 4.71
CA GLY A 216 28.27 -12.76 3.48
C GLY A 216 27.35 -13.52 2.54
N LYS A 217 26.14 -13.82 2.99
CA LYS A 217 25.18 -14.54 2.16
C LYS A 217 24.88 -13.78 0.87
N ALA A 218 24.78 -12.46 0.96
CA ALA A 218 24.56 -11.63 -0.21
C ALA A 218 25.27 -10.28 -0.09
N LYS A 219 25.77 -9.78 -1.22
CA LYS A 219 26.41 -8.48 -1.26
C LYS A 219 25.38 -7.37 -1.25
N ARG A 220 24.21 -7.65 -1.84
CA ARG A 220 23.15 -6.66 -1.91
C ARG A 220 21.81 -7.30 -1.56
N VAL A 221 21.13 -6.71 -0.59
CA VAL A 221 19.78 -7.12 -0.23
C VAL A 221 18.81 -5.98 -0.50
N VAL A 222 17.89 -6.20 -1.44
CA VAL A 222 16.83 -5.24 -1.69
C VAL A 222 15.50 -5.82 -1.24
N VAL A 223 14.99 -5.33 -0.13
CA VAL A 223 13.71 -5.77 0.38
C VAL A 223 12.61 -4.95 -0.28
N SER A 224 11.77 -5.62 -1.07
CA SER A 224 10.66 -4.93 -1.69
C SER A 224 9.49 -4.87 -0.71
N LEU A 225 8.82 -3.72 -0.68
CA LEU A 225 7.80 -3.43 0.33
C LEU A 225 6.41 -3.09 -0.25
N GLY A 226 6.09 -3.67 -1.40
CA GLY A 226 4.81 -3.39 -2.05
C GLY A 226 4.66 -1.91 -2.40
N PRO A 227 3.60 -1.27 -1.91
CA PRO A 227 3.37 0.13 -2.26
C PRO A 227 4.35 1.06 -1.57
N GLN A 228 5.06 0.57 -0.55
CA GLN A 228 6.01 1.40 0.18
C GLN A 228 7.37 1.45 -0.51
N GLY A 229 7.49 0.72 -1.61
CA GLY A 229 8.69 0.78 -2.44
C GLY A 229 9.66 -0.32 -2.09
N ALA A 230 10.89 0.07 -1.75
CA ALA A 230 11.92 -0.91 -1.43
C ALA A 230 13.01 -0.35 -0.51
N LEU A 231 13.61 -1.24 0.27
CA LEU A 231 14.72 -0.87 1.13
C LEU A 231 15.95 -1.66 0.67
N GLY A 232 16.90 -0.97 0.06
CA GLY A 232 18.11 -1.61 -0.44
C GLY A 232 19.27 -1.45 0.53
N VAL A 233 20.05 -2.51 0.69
CA VAL A 233 21.12 -2.51 1.69
C VAL A 233 22.42 -3.07 1.12
N ASP A 234 23.52 -2.41 1.48
CA ASP A 234 24.88 -2.74 1.05
C ASP A 234 25.74 -2.90 2.27
N SER A 235 27.03 -3.17 2.06
CA SER A 235 27.97 -3.16 3.16
C SER A 235 28.22 -1.71 3.58
N GLU A 236 28.01 -0.79 2.64
CA GLU A 236 28.28 0.63 2.87
C GLU A 236 27.05 1.54 2.87
N ASN A 237 25.96 1.10 2.25
CA ASN A 237 24.81 1.97 2.09
C ASN A 237 23.47 1.32 2.42
N CYS A 238 22.49 2.17 2.68
CA CYS A 238 21.12 1.75 2.93
C CYS A 238 20.18 2.85 2.44
N ILE A 239 19.27 2.50 1.54
CA ILE A 239 18.36 3.48 0.98
C ILE A 239 16.95 2.94 0.82
N GLN A 240 15.97 3.72 1.27
CA GLN A 240 14.59 3.40 0.95
C GLN A 240 14.10 4.31 -0.15
N VAL A 241 13.45 3.70 -1.13
CA VAL A 241 12.86 4.43 -2.22
C VAL A 241 11.35 4.17 -2.21
N VAL A 242 10.58 5.23 -2.14
CA VAL A 242 9.12 5.13 -2.17
C VAL A 242 8.60 5.49 -3.57
N PRO A 243 7.64 4.71 -4.09
CA PRO A 243 7.07 5.02 -5.41
C PRO A 243 6.27 6.32 -5.35
N PRO A 244 5.97 6.93 -6.51
CA PRO A 244 5.15 8.14 -6.58
C PRO A 244 3.71 7.87 -6.15
N PRO A 245 2.99 8.91 -5.71
CA PRO A 245 1.59 8.83 -5.26
C PRO A 245 0.62 8.53 -6.39
N VAL A 246 0.82 7.43 -7.10
CA VAL A 246 -0.10 7.01 -8.15
C VAL A 246 -0.63 5.64 -7.79
N LYS A 247 -1.96 5.50 -7.72
CA LYS A 247 -2.59 4.26 -7.33
C LYS A 247 -2.32 3.16 -8.35
N SER A 248 -2.26 1.93 -7.87
CA SER A 248 -1.95 0.78 -8.70
C SER A 248 -3.21 0.05 -9.14
N GLN A 249 -3.17 -0.51 -10.34
CA GLN A 249 -4.31 -1.23 -10.90
C GLN A 249 -4.19 -2.73 -10.67
N SER A 250 -2.95 -3.19 -10.49
CA SER A 250 -2.67 -4.61 -10.32
C SER A 250 -1.36 -4.80 -9.55
N THR A 251 -1.04 -6.04 -9.20
CA THR A 251 0.23 -6.31 -8.53
C THR A 251 1.07 -7.25 -9.38
N VAL A 252 0.45 -7.79 -10.42
CA VAL A 252 1.14 -8.65 -11.38
C VAL A 252 1.85 -7.79 -12.41
N GLY A 253 3.10 -8.10 -12.74
CA GLY A 253 3.96 -8.97 -11.95
C GLY A 253 5.10 -8.06 -11.56
N ALA A 254 4.93 -7.42 -10.41
CA ALA A 254 5.78 -6.30 -10.01
C ALA A 254 7.16 -6.74 -9.54
N GLY A 255 7.23 -7.88 -8.88
CA GLY A 255 8.50 -8.37 -8.38
C GLY A 255 9.48 -8.66 -9.50
N ASP A 256 9.00 -9.36 -10.52
CA ASP A 256 9.84 -9.74 -11.65
C ASP A 256 10.34 -8.53 -12.44
N SER A 257 9.48 -7.54 -12.60
CA SER A 257 9.82 -6.30 -13.30
C SER A 257 10.94 -5.57 -12.56
N MET A 258 10.79 -5.46 -11.24
CA MET A 258 11.80 -4.81 -10.41
C MET A 258 13.14 -5.53 -10.57
N VAL A 259 13.12 -6.86 -10.46
CA VAL A 259 14.34 -7.65 -10.58
C VAL A 259 14.99 -7.46 -11.95
N GLY A 260 14.17 -7.41 -13.00
CA GLY A 260 14.68 -7.16 -14.34
C GLY A 260 15.38 -5.82 -14.42
N ALA A 261 14.76 -4.79 -13.83
CA ALA A 261 15.33 -3.46 -13.80
C ALA A 261 16.68 -3.43 -13.08
N MET A 262 16.73 -4.04 -11.90
CA MET A 262 17.92 -4.01 -11.06
C MET A 262 19.06 -4.82 -11.64
N THR A 263 18.73 -5.92 -12.31
CA THR A 263 19.73 -6.74 -13.01
C THR A 263 20.43 -5.89 -14.08
N LEU A 264 19.63 -5.16 -14.85
CA LEU A 264 20.16 -4.25 -15.87
C LEU A 264 21.07 -3.21 -15.25
N LYS A 265 20.66 -2.66 -14.12
CA LYS A 265 21.47 -1.67 -13.42
C LYS A 265 22.77 -2.30 -12.92
N LEU A 266 22.68 -3.51 -12.40
CA LEU A 266 23.87 -4.24 -11.97
C LEU A 266 24.84 -4.46 -13.13
N ALA A 267 24.27 -4.80 -14.29
CA ALA A 267 25.07 -5.03 -15.50
C ALA A 267 25.75 -3.74 -15.98
N GLU A 268 25.23 -2.61 -15.52
CA GLU A 268 25.79 -1.31 -15.86
C GLU A 268 26.71 -0.79 -14.76
N ASN A 269 26.85 -1.57 -13.69
CA ASN A 269 27.60 -1.17 -12.50
C ASN A 269 27.11 0.15 -11.90
N ALA A 270 25.79 0.34 -11.88
CA ALA A 270 25.21 1.54 -11.29
C ALA A 270 25.29 1.50 -9.77
N SER A 271 25.27 2.68 -9.15
CA SER A 271 25.30 2.79 -7.70
C SER A 271 24.06 2.12 -7.10
N LEU A 272 24.12 1.80 -5.82
CA LEU A 272 23.01 1.13 -5.14
C LEU A 272 21.73 1.97 -5.26
N GLU A 273 21.87 3.28 -5.13
CA GLU A 273 20.73 4.18 -5.19
C GLU A 273 20.02 4.10 -6.53
N GLU A 274 20.78 4.05 -7.62
CA GLU A 274 20.21 4.00 -8.95
C GLU A 274 19.55 2.66 -9.23
N MET A 275 20.15 1.60 -8.69
CA MET A 275 19.62 0.26 -8.83
C MET A 275 18.24 0.17 -8.20
N VAL A 276 18.13 0.63 -6.96
CA VAL A 276 16.87 0.53 -6.21
C VAL A 276 15.78 1.43 -6.81
N ARG A 277 16.15 2.64 -7.18
CA ARG A 277 15.21 3.58 -7.80
C ARG A 277 14.68 3.02 -9.11
N PHE A 278 15.57 2.47 -9.93
CA PHE A 278 15.16 1.88 -11.19
C PHE A 278 14.34 0.61 -10.94
N GLY A 279 14.65 -0.09 -9.86
CA GLY A 279 13.86 -1.23 -9.43
C GLY A 279 12.42 -0.86 -9.10
N VAL A 280 12.26 0.17 -8.27
CA VAL A 280 10.93 0.65 -7.88
C VAL A 280 10.18 1.21 -9.09
N ALA A 281 10.91 1.90 -9.97
CA ALA A 281 10.31 2.47 -11.16
C ALA A 281 9.67 1.40 -12.05
N ALA A 282 10.40 0.31 -12.30
CA ALA A 282 9.88 -0.78 -13.13
C ALA A 282 8.78 -1.56 -12.42
N GLY A 283 9.01 -1.91 -11.16
CA GLY A 283 8.00 -2.58 -10.36
C GLY A 283 6.68 -1.81 -10.33
N SER A 284 6.75 -0.53 -10.01
CA SER A 284 5.57 0.32 -9.95
C SER A 284 4.99 0.58 -11.35
N ALA A 285 5.85 0.58 -12.37
CA ALA A 285 5.36 0.71 -13.74
C ALA A 285 4.43 -0.46 -14.06
N ALA A 286 4.79 -1.64 -13.58
CA ALA A 286 4.03 -2.85 -13.85
C ALA A 286 2.66 -2.83 -13.17
N THR A 287 2.55 -2.07 -12.08
CA THR A 287 1.29 -2.01 -11.32
C THR A 287 0.28 -1.05 -11.96
N LEU A 288 0.73 -0.33 -12.99
CA LEU A 288 -0.10 0.71 -13.61
C LEU A 288 -1.22 0.16 -14.49
N ASN A 289 -1.14 -1.11 -14.84
CA ASN A 289 -2.16 -1.72 -15.70
C ASN A 289 -2.39 -3.19 -15.33
N GLN A 290 -3.63 -3.64 -15.50
CA GLN A 290 -3.99 -5.02 -15.18
C GLN A 290 -3.58 -5.97 -16.29
N ARG A 293 1.63 -6.64 -19.73
CA ARG A 293 1.66 -7.60 -18.62
C ARG A 293 2.64 -7.17 -17.53
N LEU A 294 3.73 -6.53 -17.93
CA LEU A 294 4.79 -6.12 -17.01
C LEU A 294 5.03 -4.61 -17.10
N CYS A 295 6.26 -4.21 -16.82
CA CYS A 295 6.65 -2.81 -16.93
C CYS A 295 6.92 -2.47 -18.38
N SER A 296 6.61 -1.23 -18.76
CA SER A 296 6.97 -0.75 -20.09
C SER A 296 8.13 0.24 -19.99
N HIS A 297 8.83 0.46 -21.09
CA HIS A 297 10.01 1.33 -21.08
C HIS A 297 9.65 2.77 -20.70
N ASP A 298 8.58 3.30 -21.28
CA ASP A 298 8.21 4.70 -21.09
C ASP A 298 7.69 5.00 -19.69
N ASP A 299 6.86 4.13 -19.14
CA ASP A 299 6.38 4.30 -17.77
C ASP A 299 7.53 4.23 -16.77
N THR A 300 8.43 3.27 -16.98
CA THR A 300 9.59 3.12 -16.09
C THR A 300 10.46 4.38 -16.10
N GLN A 301 10.81 4.83 -17.30
CA GLN A 301 11.59 6.05 -17.49
C GLN A 301 10.94 7.24 -16.77
N LYS A 302 9.63 7.36 -16.93
CA LYS A 302 8.89 8.46 -16.31
C LYS A 302 9.01 8.43 -14.80
N ILE A 303 8.77 7.27 -14.21
CA ILE A 303 8.86 7.13 -12.77
C ILE A 303 10.29 7.31 -12.27
N TYR A 304 11.25 6.73 -12.98
CA TYR A 304 12.67 6.83 -12.60
C TYR A 304 13.15 8.29 -12.62
N ALA A 305 12.73 9.05 -13.61
CA ALA A 305 13.08 10.47 -13.70
C ALA A 305 12.48 11.24 -12.54
N TYR A 306 11.26 10.87 -12.13
CA TYR A 306 10.62 11.48 -10.98
C TYR A 306 11.40 11.14 -9.72
N LEU A 307 11.81 9.88 -9.59
CA LEU A 307 12.56 9.45 -8.41
C LEU A 307 13.95 10.08 -8.36
N SER A 308 14.49 10.46 -9.52
CA SER A 308 15.84 11.01 -9.61
C SER A 308 15.89 12.53 -9.51
N ARG A 309 14.72 13.17 -9.61
CA ARG A 309 14.64 14.63 -9.57
C ARG A 309 15.18 15.20 -8.27
N MET B 1 -0.07 26.34 24.46
CA MET B 1 -0.95 25.68 23.50
C MET B 1 -2.36 26.24 23.58
N VAL B 2 -3.03 26.34 22.44
CA VAL B 2 -4.39 26.86 22.39
C VAL B 2 -5.40 25.75 22.64
N ARG B 3 -6.66 26.13 22.84
CA ARG B 3 -7.71 25.14 23.05
C ARG B 3 -8.16 24.51 21.73
N ILE B 4 -8.63 23.27 21.80
CA ILE B 4 -9.02 22.53 20.61
C ILE B 4 -10.46 22.08 20.72
N TYR B 5 -11.22 22.29 19.64
CA TYR B 5 -12.59 21.82 19.54
C TYR B 5 -12.76 21.06 18.23
N THR B 6 -13.70 20.12 18.19
CA THR B 6 -14.04 19.48 16.92
C THR B 6 -15.53 19.61 16.63
N LEU B 7 -15.89 19.45 15.37
CA LEU B 7 -17.28 19.52 14.96
C LEU B 7 -17.63 18.31 14.10
N THR B 8 -18.69 17.60 14.49
CA THR B 8 -19.13 16.45 13.72
C THR B 8 -20.60 16.59 13.35
N LEU B 9 -20.84 16.99 12.10
CA LEU B 9 -22.19 17.21 11.62
C LEU B 9 -22.95 15.90 11.44
N ALA B 10 -22.21 14.82 11.19
CA ALA B 10 -22.80 13.49 11.05
C ALA B 10 -22.18 12.50 12.03
N PRO B 11 -22.59 12.57 13.31
CA PRO B 11 -22.07 11.65 14.31
C PRO B 11 -22.73 10.29 14.15
N SER B 12 -22.23 9.31 14.90
CA SER B 12 -22.75 7.97 14.80
C SER B 12 -22.57 7.21 16.12
N LEU B 13 -23.54 6.38 16.46
CA LEU B 13 -23.34 5.39 17.51
C LEU B 13 -23.04 4.09 16.79
N ASP B 14 -21.76 3.71 16.74
CA ASP B 14 -21.35 2.55 15.97
C ASP B 14 -21.53 1.26 16.76
N SER B 15 -22.19 0.29 16.16
CA SER B 15 -22.41 -0.99 16.81
C SER B 15 -21.56 -2.09 16.18
N ALA B 16 -20.75 -2.75 17.01
CA ALA B 16 -19.87 -3.80 16.55
C ALA B 16 -20.40 -5.17 16.97
N THR B 17 -20.60 -6.05 16.00
CA THR B 17 -21.19 -7.36 16.25
C THR B 17 -20.36 -8.44 15.56
N ILE B 18 -20.58 -9.68 15.97
CA ILE B 18 -19.86 -10.82 15.41
C ILE B 18 -20.79 -11.83 14.76
N THR B 19 -20.35 -12.42 13.65
CA THR B 19 -21.06 -13.53 13.02
C THR B 19 -20.04 -14.54 12.51
N PRO B 20 -20.39 -15.84 12.58
CA PRO B 20 -19.47 -16.91 12.16
C PRO B 20 -19.12 -16.85 10.67
N GLN B 21 -20.09 -16.51 9.83
CA GLN B 21 -19.91 -16.59 8.39
C GLN B 21 -20.56 -15.40 7.70
N ILE B 22 -20.00 -15.01 6.56
CA ILE B 22 -20.65 -14.02 5.72
C ILE B 22 -20.98 -14.63 4.34
N ASP B 23 -22.26 -14.60 4.01
CA ASP B 23 -22.74 -15.21 2.78
C ASP B 23 -24.09 -14.61 2.42
N PRO B 24 -24.44 -14.58 1.12
CA PRO B 24 -25.69 -13.93 0.72
C PRO B 24 -26.91 -14.76 1.07
N GLU B 25 -28.09 -14.18 0.89
CA GLU B 25 -29.38 -14.89 0.96
C GLU B 25 -29.87 -15.27 2.36
N GLY B 26 -29.12 -16.10 3.07
CA GLY B 26 -29.54 -16.57 4.38
C GLY B 26 -29.54 -15.50 5.46
N LYS B 27 -29.96 -15.87 6.66
CA LYS B 27 -29.89 -14.97 7.81
C LYS B 27 -28.53 -15.09 8.48
N LEU B 28 -27.86 -13.95 8.69
CA LEU B 28 -26.59 -13.95 9.40
C LEU B 28 -26.81 -13.57 10.85
N ARG B 29 -26.82 -14.58 11.71
CA ARG B 29 -27.06 -14.37 13.14
C ARG B 29 -25.88 -13.63 13.77
N CYS B 30 -26.14 -12.44 14.30
CA CYS B 30 -25.11 -11.61 14.88
C CYS B 30 -25.26 -11.46 16.39
N THR B 31 -24.14 -11.43 17.09
CA THR B 31 -24.16 -11.23 18.55
C THR B 31 -24.72 -9.87 18.90
N ALA B 32 -25.16 -9.71 20.14
CA ALA B 32 -25.63 -8.42 20.63
C ALA B 32 -24.48 -7.41 20.56
N PRO B 33 -24.71 -6.30 19.87
CA PRO B 33 -23.69 -5.30 19.52
C PRO B 33 -22.98 -4.63 20.69
N VAL B 34 -21.70 -4.33 20.49
CA VAL B 34 -20.93 -3.50 21.42
C VAL B 34 -20.81 -2.10 20.82
N PHE B 35 -21.29 -1.10 21.57
CA PHE B 35 -21.39 0.25 21.01
C PHE B 35 -20.12 1.08 21.18
N GLU B 36 -19.87 1.97 20.22
CA GLU B 36 -18.72 2.88 20.29
C GLU B 36 -18.97 4.18 19.53
N PRO B 37 -18.33 5.28 19.98
CA PRO B 37 -18.51 6.60 19.38
C PRO B 37 -18.03 6.68 17.93
N GLY B 38 -18.91 7.10 17.03
CA GLY B 38 -18.56 7.20 15.62
C GLY B 38 -18.68 8.62 15.10
N GLY B 39 -17.91 8.91 14.06
CA GLY B 39 -17.90 10.24 13.46
C GLY B 39 -16.51 10.84 13.42
N GLY B 40 -16.23 11.57 12.34
CA GLY B 40 -14.92 12.17 12.11
C GLY B 40 -14.40 13.02 13.26
N GLY B 41 -15.03 14.15 13.50
CA GLY B 41 -14.60 15.07 14.55
C GLY B 41 -14.58 14.41 15.92
N ILE B 42 -15.49 13.48 16.15
CA ILE B 42 -15.53 12.75 17.42
C ILE B 42 -14.28 11.89 17.60
N ASN B 43 -13.98 11.06 16.61
CA ASN B 43 -12.75 10.26 16.63
C ASN B 43 -11.47 11.09 16.70
N VAL B 44 -11.48 12.25 16.06
CA VAL B 44 -10.35 13.17 16.14
C VAL B 44 -10.11 13.60 17.59
N ALA B 45 -11.21 13.88 18.31
CA ALA B 45 -11.12 14.28 19.70
C ALA B 45 -10.63 13.14 20.59
N ARG B 46 -11.11 11.93 20.33
CA ARG B 46 -10.68 10.76 21.06
C ARG B 46 -9.20 10.47 20.81
N ALA B 47 -8.76 10.64 19.57
CA ALA B 47 -7.36 10.45 19.22
C ALA B 47 -6.47 11.47 19.95
N ILE B 48 -6.98 12.68 20.11
CA ILE B 48 -6.24 13.72 20.82
C ILE B 48 -6.09 13.37 22.30
N ALA B 49 -7.13 12.77 22.87
CA ALA B 49 -7.09 12.32 24.25
C ALA B 49 -6.10 11.16 24.42
N HIS B 50 -6.04 10.28 23.43
CA HIS B 50 -5.10 9.17 23.45
C HIS B 50 -3.67 9.70 23.43
N LEU B 51 -3.47 10.80 22.70
CA LEU B 51 -2.16 11.39 22.53
C LEU B 51 -1.82 12.41 23.62
N GLY B 52 -2.64 12.48 24.65
CA GLY B 52 -2.33 13.28 25.83
C GLY B 52 -2.97 14.66 25.89
N GLY B 53 -3.52 15.13 24.77
CA GLY B 53 -4.14 16.43 24.73
C GLY B 53 -5.60 16.41 25.14
N SER B 54 -6.31 17.51 24.89
CA SER B 54 -7.72 17.60 25.21
C SER B 54 -8.47 18.34 24.12
N ALA B 55 -9.59 17.79 23.68
CA ALA B 55 -10.40 18.41 22.63
C ALA B 55 -11.88 18.25 22.93
N THR B 56 -12.62 19.35 22.81
CA THR B 56 -14.05 19.35 23.04
C THR B 56 -14.81 18.98 21.76
N ALA B 57 -15.59 17.92 21.82
CA ALA B 57 -16.34 17.47 20.65
C ALA B 57 -17.74 18.09 20.57
N ILE B 58 -17.97 18.88 19.52
CA ILE B 58 -19.28 19.48 19.27
C ILE B 58 -20.05 18.66 18.24
N PHE B 59 -21.29 18.32 18.55
CA PHE B 59 -22.10 17.49 17.65
C PHE B 59 -23.57 17.46 18.03
N PRO B 60 -24.44 17.12 17.07
CA PRO B 60 -25.86 16.93 17.40
C PRO B 60 -26.14 15.51 17.92
N ALA B 61 -27.05 15.41 18.88
CA ALA B 61 -27.43 14.13 19.47
C ALA B 61 -28.95 14.00 19.55
N GLY B 62 -29.45 12.81 19.23
CA GLY B 62 -30.88 12.56 19.27
C GLY B 62 -31.23 11.16 19.73
N GLY B 63 -32.37 11.03 20.40
CA GLY B 63 -32.85 9.73 20.84
C GLY B 63 -31.97 9.07 21.89
N ALA B 64 -32.29 7.82 22.19
CA ALA B 64 -31.52 7.06 23.17
C ALA B 64 -30.13 6.73 22.64
N THR B 65 -30.00 6.69 21.31
CA THR B 65 -28.70 6.45 20.69
C THR B 65 -27.78 7.65 20.94
N GLY B 66 -28.30 8.86 20.76
CA GLY B 66 -27.55 10.06 21.03
C GLY B 66 -27.11 10.11 22.48
N GLU B 67 -28.04 9.83 23.39
CA GLU B 67 -27.71 9.76 24.81
C GLU B 67 -26.63 8.73 25.12
N HIS B 68 -26.63 7.62 24.37
CA HIS B 68 -25.64 6.57 24.57
C HIS B 68 -24.28 7.02 24.06
N LEU B 69 -24.29 7.70 22.91
CA LEU B 69 -23.07 8.27 22.34
C LEU B 69 -22.44 9.25 23.31
N VAL B 70 -23.28 10.09 23.92
CA VAL B 70 -22.82 11.09 24.88
C VAL B 70 -22.24 10.44 26.13
N SER B 71 -22.84 9.33 26.53
CA SER B 71 -22.41 8.59 27.73
C SER B 71 -21.09 7.84 27.53
N LEU B 72 -20.85 7.34 26.32
CA LEU B 72 -19.59 6.70 25.99
C LEU B 72 -18.45 7.71 26.08
N LEU B 73 -18.68 8.89 25.50
CA LEU B 73 -17.69 9.95 25.50
C LEU B 73 -17.38 10.45 26.91
N ALA B 74 -18.38 10.43 27.78
CA ALA B 74 -18.17 10.81 29.17
C ALA B 74 -17.24 9.80 29.84
N ASP B 75 -17.45 8.52 29.55
CA ASP B 75 -16.64 7.45 30.13
C ASP B 75 -15.18 7.50 29.68
N GLU B 76 -14.95 8.07 28.50
CA GLU B 76 -13.60 8.18 27.96
C GLU B 76 -12.97 9.52 28.30
N ASN B 77 -13.66 10.30 29.13
CA ASN B 77 -13.18 11.60 29.59
C ASN B 77 -12.90 12.60 28.47
N VAL B 78 -13.75 12.58 27.45
CA VAL B 78 -13.68 13.56 26.37
C VAL B 78 -14.78 14.59 26.55
N PRO B 79 -14.42 15.88 26.64
CA PRO B 79 -15.46 16.90 26.82
C PRO B 79 -16.34 17.02 25.59
N VAL B 80 -17.62 17.31 25.79
CA VAL B 80 -18.55 17.50 24.68
C VAL B 80 -19.39 18.76 24.84
N ALA B 81 -19.95 19.22 23.73
CA ALA B 81 -20.97 20.24 23.73
C ALA B 81 -21.98 19.85 22.66
N THR B 82 -23.18 19.48 23.08
CA THR B 82 -24.16 18.95 22.14
C THR B 82 -25.35 19.87 21.92
N VAL B 83 -25.97 19.73 20.75
CA VAL B 83 -27.32 20.27 20.55
C VAL B 83 -28.24 19.09 20.30
N GLU B 84 -29.43 19.12 20.90
CA GLU B 84 -30.38 18.04 20.73
C GLU B 84 -31.04 18.14 19.37
N ALA B 85 -31.19 17.01 18.71
CA ALA B 85 -31.77 16.98 17.37
C ALA B 85 -33.04 16.16 17.37
N LYS B 86 -33.91 16.43 16.40
CA LYS B 86 -35.17 15.70 16.30
C LYS B 86 -34.92 14.27 15.84
N ASP B 87 -34.12 14.12 14.79
CA ASP B 87 -33.82 12.80 14.24
C ASP B 87 -32.80 12.08 15.11
N TRP B 88 -33.09 10.82 15.45
CA TRP B 88 -32.24 10.09 16.39
C TRP B 88 -30.88 9.76 15.79
N THR B 89 -29.85 9.80 16.63
CA THR B 89 -28.48 9.51 16.21
C THR B 89 -28.41 8.14 15.53
N ARG B 90 -27.84 8.11 14.34
CA ARG B 90 -27.86 6.92 13.52
C ARG B 90 -26.77 5.93 13.91
N GLN B 91 -26.95 4.69 13.47
CA GLN B 91 -26.04 3.61 13.82
C GLN B 91 -25.38 2.99 12.59
N ASN B 92 -24.05 3.06 12.54
CA ASN B 92 -23.29 2.31 11.55
C ASN B 92 -22.93 0.95 12.14
N LEU B 93 -22.83 -0.06 11.28
CA LEU B 93 -22.65 -1.42 11.75
C LEU B 93 -21.33 -2.00 11.26
N HIS B 94 -20.51 -2.43 12.21
CA HIS B 94 -19.26 -3.11 11.89
C HIS B 94 -19.42 -4.58 12.24
N VAL B 95 -19.21 -5.44 11.25
CA VAL B 95 -19.42 -6.88 11.41
C VAL B 95 -18.11 -7.64 11.34
N HIS B 96 -17.78 -8.38 12.39
CA HIS B 96 -16.60 -9.25 12.38
C HIS B 96 -17.02 -10.67 12.04
N VAL B 97 -16.38 -11.23 11.01
CA VAL B 97 -16.68 -12.59 10.59
C VAL B 97 -15.63 -13.55 11.13
N GLU B 98 -16.07 -14.50 11.95
CA GLU B 98 -15.19 -15.44 12.62
C GLU B 98 -14.34 -16.29 11.66
N ALA B 99 -14.99 -16.86 10.65
CA ALA B 99 -14.34 -17.82 9.75
C ALA B 99 -13.21 -17.22 8.93
N SER B 100 -13.15 -15.89 8.85
CA SER B 100 -12.12 -15.22 8.06
C SER B 100 -11.31 -14.24 8.91
N GLY B 101 -11.83 -13.90 10.07
CA GLY B 101 -11.19 -12.94 10.96
C GLY B 101 -11.29 -11.52 10.42
N GLU B 102 -12.12 -11.33 9.40
CA GLU B 102 -12.21 -10.05 8.71
C GLU B 102 -13.33 -9.16 9.25
N GLN B 103 -13.21 -7.86 8.98
CA GLN B 103 -14.21 -6.89 9.37
C GLN B 103 -14.92 -6.28 8.16
N TYR B 104 -16.19 -5.96 8.32
CA TYR B 104 -16.95 -5.29 7.29
C TYR B 104 -17.60 -4.08 7.92
N ARG B 105 -17.51 -2.93 7.26
CA ARG B 105 -18.03 -1.69 7.80
C ARG B 105 -19.11 -1.09 6.91
N PHE B 106 -20.34 -1.05 7.42
CA PHE B 106 -21.43 -0.47 6.66
C PHE B 106 -21.74 0.93 7.19
N VAL B 107 -21.45 1.93 6.36
CA VAL B 107 -21.54 3.31 6.78
C VAL B 107 -22.72 3.99 6.10
N MET B 108 -23.76 4.25 6.90
CA MET B 108 -24.96 4.94 6.41
C MET B 108 -24.74 6.43 6.57
N PRO B 109 -25.57 7.26 5.93
CA PRO B 109 -25.46 8.71 6.21
C PRO B 109 -25.87 9.01 7.65
N GLY B 110 -25.43 10.13 8.19
CA GLY B 110 -25.80 10.51 9.53
C GLY B 110 -27.25 10.90 9.64
N ALA B 111 -27.73 11.14 10.85
CA ALA B 111 -29.10 11.59 11.06
C ALA B 111 -29.30 12.96 10.43
N ALA B 112 -30.52 13.26 10.05
CA ALA B 112 -30.83 14.55 9.43
C ALA B 112 -30.73 15.71 10.43
N LEU B 113 -30.32 16.87 9.94
CA LEU B 113 -30.32 18.10 10.72
C LEU B 113 -31.22 19.12 10.04
N ASN B 114 -32.23 19.64 10.74
CA ASN B 114 -33.05 20.68 10.16
C ASN B 114 -32.33 22.03 10.26
N GLU B 115 -32.94 23.07 9.69
CA GLU B 115 -32.32 24.39 9.64
C GLU B 115 -31.95 24.87 11.04
N ASP B 116 -32.85 24.64 11.99
CA ASP B 116 -32.69 25.16 13.34
C ASP B 116 -31.54 24.51 14.11
N GLU B 117 -31.38 23.20 14.02
CA GLU B 117 -30.29 22.55 14.73
C GLU B 117 -28.94 23.00 14.21
N PHE B 118 -28.84 23.19 12.89
CA PHE B 118 -27.59 23.62 12.30
C PHE B 118 -27.19 24.98 12.86
N ARG B 119 -28.18 25.87 13.02
CA ARG B 119 -27.92 27.19 13.58
C ARG B 119 -27.51 27.10 15.05
N GLN B 120 -28.03 26.11 15.77
CA GLN B 120 -27.62 25.89 17.14
C GLN B 120 -26.19 25.38 17.18
N LEU B 121 -25.82 24.58 16.19
CA LEU B 121 -24.46 24.09 16.07
C LEU B 121 -23.52 25.24 15.76
N GLU B 122 -24.00 26.16 14.94
CA GLU B 122 -23.22 27.34 14.58
C GLU B 122 -23.00 28.23 15.80
N GLU B 123 -24.05 28.43 16.60
CA GLU B 123 -23.97 29.25 17.79
C GLU B 123 -22.94 28.69 18.76
N GLN B 124 -22.94 27.38 18.93
CA GLN B 124 -21.98 26.70 19.78
C GLN B 124 -20.55 26.94 19.29
N VAL B 125 -20.35 26.85 17.99
CA VAL B 125 -19.03 27.08 17.39
C VAL B 125 -18.56 28.51 17.57
N LEU B 126 -19.45 29.48 17.37
CA LEU B 126 -19.09 30.88 17.53
C LEU B 126 -18.87 31.27 18.99
N GLU B 127 -19.08 30.32 19.89
CA GLU B 127 -18.77 30.53 21.29
C GLU B 127 -17.28 30.29 21.55
N ILE B 128 -16.65 29.53 20.66
CA ILE B 128 -15.22 29.26 20.74
C ILE B 128 -14.43 30.55 20.75
N GLU B 129 -13.46 30.66 21.66
CA GLU B 129 -12.65 31.86 21.77
C GLU B 129 -11.77 32.03 20.53
N SER B 130 -11.42 33.28 20.25
CA SER B 130 -10.53 33.60 19.15
C SER B 130 -9.16 32.97 19.38
N GLY B 131 -8.54 32.50 18.30
CA GLY B 131 -7.23 31.88 18.39
C GLY B 131 -7.30 30.37 18.57
N ALA B 132 -8.41 29.87 19.09
CA ALA B 132 -8.57 28.43 19.33
C ALA B 132 -8.76 27.70 18.01
N ILE B 133 -8.52 26.39 18.02
CA ILE B 133 -8.60 25.58 16.82
C ILE B 133 -9.86 24.72 16.78
N LEU B 134 -10.51 24.71 15.62
CA LEU B 134 -11.71 23.91 15.39
C LEU B 134 -11.48 22.93 14.24
N VAL B 135 -11.59 21.63 14.54
CA VAL B 135 -11.48 20.63 13.51
C VAL B 135 -12.87 20.23 13.00
N ILE B 136 -13.15 20.56 11.75
CA ILE B 136 -14.38 20.14 11.12
C ILE B 136 -14.13 18.87 10.32
N SER B 137 -14.66 17.75 10.80
CA SER B 137 -14.31 16.44 10.25
C SER B 137 -15.52 15.51 10.07
N GLY B 138 -15.61 14.93 8.87
CA GLY B 138 -16.66 13.96 8.58
C GLY B 138 -17.53 14.40 7.42
N SER B 139 -18.56 13.61 7.12
CA SER B 139 -19.44 13.88 5.99
C SER B 139 -20.55 14.86 6.37
N LEU B 140 -21.30 15.29 5.36
CA LEU B 140 -22.40 16.23 5.55
C LEU B 140 -23.71 15.44 5.59
N PRO B 141 -24.46 15.57 6.69
CA PRO B 141 -25.70 14.82 6.90
C PRO B 141 -26.82 15.37 6.01
N PRO B 142 -27.92 14.62 5.86
CA PRO B 142 -29.08 15.12 5.13
C PRO B 142 -29.64 16.37 5.80
N GLY B 143 -30.13 17.32 5.01
CA GLY B 143 -30.77 18.50 5.55
C GLY B 143 -29.87 19.72 5.59
N VAL B 144 -28.59 19.52 5.29
CA VAL B 144 -27.64 20.63 5.28
C VAL B 144 -27.20 20.95 3.86
N LYS B 145 -27.42 22.18 3.43
CA LYS B 145 -26.94 22.63 2.13
C LYS B 145 -25.49 23.07 2.25
N LEU B 146 -24.70 22.79 1.22
CA LEU B 146 -23.27 23.09 1.23
C LEU B 146 -22.93 24.55 1.51
N GLU B 147 -23.82 25.44 1.09
CA GLU B 147 -23.65 26.86 1.34
C GLU B 147 -23.62 27.16 2.83
N LYS B 148 -24.33 26.36 3.62
CA LYS B 148 -24.43 26.55 5.06
C LYS B 148 -23.16 26.13 5.77
N LEU B 149 -22.46 25.15 5.21
CA LEU B 149 -21.14 24.76 5.70
C LEU B 149 -20.16 25.89 5.47
N THR B 150 -20.20 26.45 4.28
CA THR B 150 -19.35 27.58 3.90
C THR B 150 -19.56 28.78 4.82
N GLN B 151 -20.83 29.08 5.12
CA GLN B 151 -21.17 30.22 5.97
C GLN B 151 -20.65 30.01 7.39
N LEU B 152 -20.75 28.79 7.89
CA LEU B 152 -20.25 28.45 9.21
C LEU B 152 -18.74 28.70 9.29
N ILE B 153 -18.01 28.22 8.30
CA ILE B 153 -16.56 28.38 8.31
C ILE B 153 -16.13 29.85 8.16
N SER B 154 -16.85 30.61 7.35
CA SER B 154 -16.59 32.05 7.24
C SER B 154 -16.82 32.70 8.59
N ALA B 155 -18.01 32.49 9.14
CA ALA B 155 -18.39 33.03 10.45
C ALA B 155 -17.33 32.71 11.51
N ALA B 156 -16.96 31.44 11.61
CA ALA B 156 -15.92 31.02 12.54
C ALA B 156 -14.63 31.80 12.31
N GLN B 157 -14.21 31.88 11.04
CA GLN B 157 -12.97 32.56 10.70
C GLN B 157 -13.02 34.07 10.95
N LYS B 158 -14.18 34.68 10.71
CA LYS B 158 -14.33 36.12 10.91
C LYS B 158 -13.95 36.58 12.32
N GLN B 159 -14.01 35.66 13.28
CA GLN B 159 -13.64 35.99 14.66
C GLN B 159 -12.47 35.17 15.20
N GLY B 160 -11.50 34.88 14.32
CA GLY B 160 -10.23 34.32 14.75
C GLY B 160 -10.19 32.83 15.02
N ILE B 161 -11.25 32.11 14.69
CA ILE B 161 -11.24 30.65 14.88
C ILE B 161 -10.44 29.96 13.77
N ARG B 162 -9.46 29.18 14.17
CA ARG B 162 -8.59 28.48 13.22
C ARG B 162 -9.21 27.16 12.79
N CYS B 163 -9.46 27.04 11.49
CA CYS B 163 -10.25 25.93 10.97
C CYS B 163 -9.45 24.87 10.24
N ILE B 164 -9.61 23.62 10.69
CA ILE B 164 -9.04 22.45 10.04
C ILE B 164 -10.15 21.59 9.47
N VAL B 165 -9.99 21.16 8.22
CA VAL B 165 -11.06 20.45 7.54
C VAL B 165 -10.63 19.09 6.99
N ASP B 166 -11.41 18.06 7.35
CA ASP B 166 -11.24 16.72 6.80
C ASP B 166 -12.61 16.23 6.34
N SER B 167 -12.82 16.23 5.03
CA SER B 167 -14.12 15.84 4.51
C SER B 167 -14.04 15.27 3.10
N SER B 168 -15.19 15.15 2.44
CA SER B 168 -15.27 14.44 1.16
C SER B 168 -16.09 15.18 0.12
N GLY B 169 -15.62 15.13 -1.12
CA GLY B 169 -16.37 15.63 -2.26
C GLY B 169 -16.66 17.11 -2.25
N GLU B 170 -17.92 17.45 -2.48
CA GLU B 170 -18.37 18.83 -2.53
C GLU B 170 -18.22 19.53 -1.18
N ALA B 171 -18.36 18.78 -0.10
CA ALA B 171 -18.21 19.32 1.25
C ALA B 171 -16.84 19.92 1.43
N LEU B 172 -15.83 19.28 0.83
CA LEU B 172 -14.46 19.76 0.91
C LEU B 172 -14.32 21.08 0.14
N SER B 173 -14.87 21.12 -1.07
CA SER B 173 -14.86 22.33 -1.88
C SER B 173 -15.57 23.48 -1.20
N ALA B 174 -16.72 23.19 -0.60
CA ALA B 174 -17.50 24.17 0.14
C ALA B 174 -16.66 24.77 1.26
N ALA B 175 -15.85 23.93 1.90
CA ALA B 175 -14.98 24.37 2.98
C ALA B 175 -13.90 25.33 2.48
N LEU B 176 -13.28 24.98 1.35
CA LEU B 176 -12.16 25.76 0.84
C LEU B 176 -12.63 26.97 0.07
N ALA B 177 -13.93 27.06 -0.16
CA ALA B 177 -14.52 28.17 -0.91
C ALA B 177 -14.08 29.52 -0.37
N ILE B 178 -14.17 29.69 0.95
CA ILE B 178 -13.81 30.97 1.57
C ILE B 178 -12.30 31.19 1.59
N GLY B 179 -11.55 30.10 1.73
CA GLY B 179 -10.10 30.19 1.74
C GLY B 179 -9.52 30.50 3.11
N ASN B 180 -8.19 30.62 3.17
CA ASN B 180 -7.46 30.87 4.41
C ASN B 180 -7.63 29.75 5.45
N ILE B 181 -8.09 28.60 4.99
CA ILE B 181 -8.18 27.41 5.83
C ILE B 181 -6.79 27.04 6.36
N GLU B 182 -6.73 26.68 7.64
CA GLU B 182 -5.45 26.39 8.28
C GLU B 182 -4.82 25.11 7.73
N LEU B 183 -5.63 24.07 7.62
CA LEU B 183 -5.11 22.76 7.29
C LEU B 183 -6.20 21.90 6.67
N VAL B 184 -5.88 21.25 5.54
CA VAL B 184 -6.77 20.27 4.94
C VAL B 184 -6.06 18.92 4.77
N LYS B 185 -6.74 17.84 5.10
CA LYS B 185 -6.17 16.51 4.89
C LYS B 185 -7.01 15.66 3.95
N PRO B 186 -6.96 15.95 2.64
CA PRO B 186 -7.61 14.99 1.74
C PRO B 186 -6.77 13.73 1.66
N ASN B 187 -7.39 12.57 1.44
CA ASN B 187 -6.64 11.44 0.94
C ASN B 187 -6.55 11.59 -0.57
N GLN B 188 -6.11 10.54 -1.25
CA GLN B 188 -5.95 10.57 -2.70
C GLN B 188 -7.27 10.81 -3.44
N LYS B 189 -8.26 10.00 -3.10
CA LYS B 189 -9.60 10.09 -3.70
C LYS B 189 -10.19 11.48 -3.54
N GLU B 190 -10.16 11.97 -2.31
CA GLU B 190 -10.72 13.27 -1.98
C GLU B 190 -9.99 14.39 -2.72
N LEU B 191 -8.69 14.21 -2.94
CA LEU B 191 -7.90 15.21 -3.66
C LEU B 191 -8.29 15.25 -5.13
N SER B 192 -8.41 14.07 -5.74
CA SER B 192 -8.79 13.96 -7.15
C SER B 192 -10.20 14.47 -7.41
N ALA B 193 -11.08 14.27 -6.44
CA ALA B 193 -12.46 14.75 -6.57
C ALA B 193 -12.54 16.26 -6.35
N LEU B 194 -11.77 16.77 -5.39
CA LEU B 194 -11.74 18.19 -5.09
C LEU B 194 -11.22 19.00 -6.28
N VAL B 195 -10.23 18.45 -6.97
CA VAL B 195 -9.60 19.14 -8.08
C VAL B 195 -10.26 18.77 -9.41
N ASN B 196 -11.06 17.71 -9.36
CA ASN B 196 -11.89 17.26 -10.49
C ASN B 196 -11.15 16.59 -11.65
N ARG B 197 -9.86 16.30 -11.47
CA ARG B 197 -9.12 15.57 -12.49
C ARG B 197 -8.46 14.31 -11.91
N GLU B 198 -8.27 13.31 -12.76
CA GLU B 198 -7.54 12.10 -12.37
C GLU B 198 -6.11 12.49 -12.05
N LEU B 199 -5.56 11.88 -10.99
CA LEU B 199 -4.16 12.11 -10.65
C LEU B 199 -3.35 10.89 -11.07
N THR B 200 -2.84 10.93 -12.29
CA THR B 200 -2.25 9.75 -12.93
C THR B 200 -0.74 9.85 -13.07
N GLN B 201 -0.21 11.07 -13.04
CA GLN B 201 1.23 11.28 -13.22
C GLN B 201 1.92 11.39 -11.86
N PRO B 202 3.22 11.02 -11.81
CA PRO B 202 3.99 11.02 -10.55
C PRO B 202 3.89 12.31 -9.73
N ASP B 203 3.96 13.47 -10.38
CA ASP B 203 3.99 14.74 -9.67
C ASP B 203 2.61 15.39 -9.53
N ASP B 204 1.56 14.66 -9.95
CA ASP B 204 0.20 15.21 -9.96
C ASP B 204 -0.32 15.61 -8.59
N VAL B 205 -0.12 14.71 -7.61
CA VAL B 205 -0.58 14.96 -6.25
C VAL B 205 0.08 16.22 -5.67
N ARG B 206 1.40 16.33 -5.84
CA ARG B 206 2.13 17.49 -5.35
C ARG B 206 1.69 18.79 -6.01
N LYS B 207 1.57 18.77 -7.33
CA LYS B 207 1.13 19.96 -8.07
C LYS B 207 -0.26 20.41 -7.61
N ALA B 208 -1.14 19.45 -7.40
CA ALA B 208 -2.52 19.74 -7.00
C ALA B 208 -2.55 20.34 -5.59
N ALA B 209 -1.78 19.75 -4.70
CA ALA B 209 -1.68 20.25 -3.33
C ALA B 209 -1.07 21.65 -3.32
N GLN B 210 0.00 21.83 -4.07
CA GLN B 210 0.69 23.11 -4.15
C GLN B 210 -0.23 24.20 -4.70
N GLU B 211 -1.08 23.83 -5.65
CA GLU B 211 -2.05 24.76 -6.23
C GLU B 211 -2.98 25.32 -5.18
N ILE B 212 -3.42 24.46 -4.26
CA ILE B 212 -4.36 24.86 -3.22
C ILE B 212 -3.72 25.86 -2.26
N VAL B 213 -2.46 25.61 -1.90
CA VAL B 213 -1.73 26.56 -1.06
C VAL B 213 -1.53 27.89 -1.78
N ASN B 214 -1.05 27.83 -3.02
CA ASN B 214 -0.80 29.03 -3.79
C ASN B 214 -2.04 29.88 -4.07
N SER B 215 -3.17 29.23 -4.27
CA SER B 215 -4.43 29.94 -4.51
C SER B 215 -5.00 30.53 -3.22
N GLY B 216 -4.37 30.20 -2.09
CA GLY B 216 -4.73 30.75 -0.80
C GLY B 216 -5.88 30.03 -0.13
N LYS B 217 -6.41 29.01 -0.79
CA LYS B 217 -7.54 28.25 -0.25
C LYS B 217 -7.20 27.55 1.07
N ALA B 218 -5.93 27.20 1.25
CA ALA B 218 -5.48 26.57 2.48
C ALA B 218 -4.02 26.92 2.75
N LYS B 219 -3.70 27.20 4.02
CA LYS B 219 -2.34 27.51 4.39
C LYS B 219 -1.49 26.26 4.33
N ARG B 220 -2.12 25.12 4.62
CA ARG B 220 -1.41 23.85 4.61
C ARG B 220 -2.30 22.76 4.00
N VAL B 221 -1.74 21.97 3.10
CA VAL B 221 -2.44 20.81 2.58
C VAL B 221 -1.60 19.55 2.82
N VAL B 222 -2.15 18.62 3.60
CA VAL B 222 -1.53 17.31 3.76
C VAL B 222 -2.36 16.25 3.04
N VAL B 223 -1.83 15.72 1.96
CA VAL B 223 -2.47 14.61 1.27
C VAL B 223 -2.02 13.29 1.88
N SER B 224 -2.94 12.53 2.47
CA SER B 224 -2.59 11.22 3.01
C SER B 224 -2.61 10.17 1.90
N LEU B 225 -1.62 9.28 1.94
CA LEU B 225 -1.36 8.33 0.86
C LEU B 225 -1.38 6.89 1.33
N GLY B 226 -2.23 6.60 2.32
CA GLY B 226 -2.33 5.25 2.87
C GLY B 226 -0.98 4.76 3.36
N PRO B 227 -0.56 3.58 2.87
CA PRO B 227 0.70 2.97 3.28
C PRO B 227 1.92 3.80 2.86
N GLN B 228 1.75 4.70 1.91
CA GLN B 228 2.88 5.50 1.43
C GLN B 228 3.08 6.73 2.30
N GLY B 229 2.18 6.92 3.26
CA GLY B 229 2.32 7.98 4.24
C GLY B 229 1.49 9.21 3.95
N ALA B 230 2.17 10.33 3.72
CA ALA B 230 1.50 11.60 3.49
C ALA B 230 2.47 12.59 2.85
N LEU B 231 1.95 13.45 1.98
CA LEU B 231 2.75 14.52 1.38
C LEU B 231 2.19 15.87 1.85
N GLY B 232 3.02 16.66 2.51
CA GLY B 232 2.59 17.93 3.07
C GLY B 232 3.16 19.15 2.36
N VAL B 233 2.35 20.19 2.22
CA VAL B 233 2.73 21.36 1.43
C VAL B 233 2.43 22.70 2.11
N ASP B 234 3.43 23.57 2.10
CA ASP B 234 3.34 24.92 2.67
C ASP B 234 3.42 25.91 1.52
N SER B 235 3.49 27.19 1.86
CA SER B 235 3.96 28.18 0.92
C SER B 235 5.48 28.00 0.80
N GLU B 236 6.11 27.61 1.91
CA GLU B 236 7.54 27.38 1.95
C GLU B 236 7.97 25.96 1.54
N ASN B 237 7.63 24.98 2.37
CA ASN B 237 8.15 23.62 2.20
C ASN B 237 7.21 22.67 1.47
N CYS B 238 7.79 21.56 1.01
CA CYS B 238 7.03 20.42 0.51
C CYS B 238 7.76 19.18 0.97
N ILE B 239 7.02 18.27 1.61
CA ILE B 239 7.64 17.13 2.27
C ILE B 239 6.80 15.85 2.18
N GLN B 240 7.46 14.73 1.89
CA GLN B 240 6.78 13.44 2.02
C GLN B 240 7.37 12.60 3.15
N VAL B 241 6.48 12.07 3.98
CA VAL B 241 6.89 11.24 5.09
C VAL B 241 6.27 9.86 4.92
N VAL B 242 7.13 8.83 4.89
CA VAL B 242 6.70 7.45 4.67
C VAL B 242 6.75 6.67 6.00
N PRO B 243 5.73 5.84 6.28
CA PRO B 243 5.70 5.07 7.52
C PRO B 243 6.78 4.00 7.55
N PRO B 244 7.14 3.50 8.74
CA PRO B 244 8.11 2.41 8.86
C PRO B 244 7.63 1.17 8.13
N PRO B 245 8.56 0.37 7.59
CA PRO B 245 8.19 -0.86 6.87
C PRO B 245 7.60 -1.90 7.81
N VAL B 246 6.43 -1.60 8.37
CA VAL B 246 5.78 -2.48 9.32
C VAL B 246 4.40 -2.88 8.80
N LYS B 247 4.06 -4.17 8.96
CA LYS B 247 2.81 -4.72 8.44
C LYS B 247 1.58 -4.13 9.12
N SER B 248 0.56 -3.81 8.30
CA SER B 248 -0.68 -3.21 8.79
C SER B 248 -1.74 -4.29 9.06
N GLN B 249 -2.41 -4.19 10.20
CA GLN B 249 -3.38 -5.19 10.63
C GLN B 249 -4.84 -4.80 10.36
N SER B 250 -5.08 -3.50 10.19
CA SER B 250 -6.41 -2.98 9.86
C SER B 250 -6.27 -1.54 9.38
N THR B 251 -7.34 -1.02 8.78
CA THR B 251 -7.30 0.35 8.25
C THR B 251 -8.05 1.32 9.15
N VAL B 252 -8.92 0.79 9.99
CA VAL B 252 -9.84 1.60 10.79
C VAL B 252 -9.18 2.69 11.63
N GLY B 253 -9.67 3.93 11.48
CA GLY B 253 -9.27 5.03 12.32
C GLY B 253 -7.94 5.69 12.01
N ALA B 254 -7.36 5.38 10.85
CA ALA B 254 -6.07 5.94 10.46
C ALA B 254 -6.12 7.45 10.18
N GLY B 255 -7.12 7.87 9.41
CA GLY B 255 -7.25 9.26 9.03
C GLY B 255 -7.49 10.18 10.21
N ASP B 256 -8.43 9.81 11.06
CA ASP B 256 -8.80 10.64 12.20
C ASP B 256 -7.67 10.73 13.21
N SER B 257 -6.95 9.64 13.38
CA SER B 257 -5.80 9.62 14.29
C SER B 257 -4.74 10.58 13.78
N MET B 258 -4.47 10.52 12.48
CA MET B 258 -3.51 11.41 11.85
C MET B 258 -3.93 12.88 12.02
N VAL B 259 -5.21 13.16 11.80
CA VAL B 259 -5.70 14.53 11.92
C VAL B 259 -5.59 15.04 13.35
N GLY B 260 -5.93 14.19 14.31
CA GLY B 260 -5.77 14.55 15.72
C GLY B 260 -4.33 14.89 16.07
N ALA B 261 -3.40 14.05 15.62
CA ALA B 261 -1.96 14.27 15.87
C ALA B 261 -1.52 15.61 15.27
N MET B 262 -1.87 15.83 14.01
CA MET B 262 -1.47 17.06 13.34
C MET B 262 -2.12 18.30 13.95
N THR B 263 -3.34 18.14 14.47
CA THR B 263 -4.00 19.24 15.16
C THR B 263 -3.23 19.65 16.42
N LEU B 264 -2.83 18.65 17.20
CA LEU B 264 -2.00 18.87 18.39
C LEU B 264 -0.69 19.55 18.03
N LYS B 265 -0.13 19.20 16.88
CA LYS B 265 1.10 19.81 16.42
C LYS B 265 0.85 21.25 15.96
N LEU B 266 -0.25 21.47 15.24
CA LEU B 266 -0.61 22.82 14.80
C LEU B 266 -0.83 23.73 16.00
N ALA B 267 -1.54 23.22 17.00
CA ALA B 267 -1.81 23.99 18.21
C ALA B 267 -0.52 24.35 18.94
N GLU B 268 0.49 23.51 18.78
CA GLU B 268 1.80 23.74 19.41
C GLU B 268 2.74 24.53 18.51
N ASN B 269 2.22 25.00 17.38
CA ASN B 269 2.98 25.83 16.44
C ASN B 269 4.22 25.12 15.88
N ALA B 270 4.15 23.79 15.79
CA ALA B 270 5.27 23.02 15.28
C ALA B 270 5.51 23.28 13.79
N SER B 271 6.69 22.89 13.31
CA SER B 271 7.04 23.03 11.89
C SER B 271 6.20 22.10 11.04
N LEU B 272 6.17 22.35 9.73
CA LEU B 272 5.43 21.50 8.81
C LEU B 272 5.93 20.06 8.87
N GLU B 273 7.24 19.90 9.02
CA GLU B 273 7.85 18.58 9.05
C GLU B 273 7.44 17.81 10.31
N GLU B 274 7.52 18.47 11.45
CA GLU B 274 7.11 17.87 12.72
C GLU B 274 5.67 17.41 12.65
N MET B 275 4.83 18.24 12.04
CA MET B 275 3.40 18.02 11.97
C MET B 275 3.06 16.77 11.15
N VAL B 276 3.66 16.64 9.98
CA VAL B 276 3.36 15.50 9.09
C VAL B 276 3.92 14.21 9.66
N ARG B 277 5.12 14.30 10.24
CA ARG B 277 5.74 13.15 10.88
C ARG B 277 4.86 12.63 12.01
N PHE B 278 4.37 13.54 12.85
CA PHE B 278 3.56 13.13 13.99
C PHE B 278 2.23 12.59 13.49
N GLY B 279 1.73 13.16 12.40
CA GLY B 279 0.51 12.69 11.78
C GLY B 279 0.64 11.30 11.21
N VAL B 280 1.72 11.06 10.46
CA VAL B 280 1.99 9.75 9.90
C VAL B 280 2.23 8.74 11.02
N ALA B 281 2.92 9.17 12.08
CA ALA B 281 3.16 8.32 13.23
C ALA B 281 1.85 7.85 13.85
N ALA B 282 0.94 8.78 14.09
CA ALA B 282 -0.34 8.45 14.71
C ALA B 282 -1.26 7.68 13.77
N GLY B 283 -1.28 8.11 12.50
CA GLY B 283 -2.06 7.43 11.48
C GLY B 283 -1.67 5.96 11.39
N SER B 284 -0.36 5.71 11.27
CA SER B 284 0.16 4.35 11.15
C SER B 284 0.04 3.56 12.45
N ALA B 285 0.14 4.25 13.59
CA ALA B 285 -0.02 3.61 14.90
C ALA B 285 -1.42 3.01 14.98
N ALA B 286 -2.39 3.74 14.45
CA ALA B 286 -3.78 3.28 14.45
C ALA B 286 -3.97 1.98 13.65
N THR B 287 -3.15 1.77 12.63
CA THR B 287 -3.29 0.60 11.76
C THR B 287 -2.75 -0.69 12.38
N LEU B 288 -2.16 -0.59 13.56
CA LEU B 288 -1.54 -1.74 14.20
C LEU B 288 -2.57 -2.77 14.69
N ARG B 293 -8.87 1.20 19.41
CA ARG B 293 -9.61 1.46 18.18
C ARG B 293 -8.90 2.51 17.30
N LEU B 294 -8.13 3.38 17.96
CA LEU B 294 -7.39 4.44 17.25
C LEU B 294 -5.90 4.32 17.55
N CYS B 295 -5.22 5.46 17.63
CA CYS B 295 -3.79 5.47 17.88
C CYS B 295 -3.50 5.52 19.38
N SER B 296 -2.52 4.76 19.81
CA SER B 296 -2.09 4.80 21.21
C SER B 296 -0.91 5.75 21.31
N HIS B 297 -0.69 6.27 22.51
CA HIS B 297 0.40 7.22 22.72
C HIS B 297 1.78 6.58 22.53
N ASP B 298 1.96 5.38 23.06
CA ASP B 298 3.24 4.70 23.00
C ASP B 298 3.62 4.28 21.58
N ASP B 299 2.64 3.76 20.83
CA ASP B 299 2.86 3.36 19.45
C ASP B 299 3.22 4.56 18.59
N THR B 300 2.49 5.66 18.77
CA THR B 300 2.75 6.88 18.02
C THR B 300 4.14 7.38 18.35
N GLN B 301 4.46 7.44 19.65
CA GLN B 301 5.78 7.84 20.12
C GLN B 301 6.91 7.03 19.47
N LYS B 302 6.74 5.70 19.44
CA LYS B 302 7.74 4.82 18.84
C LYS B 302 7.99 5.18 17.38
N ILE B 303 6.92 5.30 16.62
CA ILE B 303 7.03 5.59 15.19
C ILE B 303 7.54 7.01 14.95
N TYR B 304 7.11 7.96 15.77
CA TYR B 304 7.57 9.32 15.62
C TYR B 304 9.07 9.44 15.90
N ALA B 305 9.57 8.64 16.84
CA ALA B 305 10.99 8.68 17.18
C ALA B 305 11.81 8.08 16.04
N TYR B 306 11.28 7.04 15.42
CA TYR B 306 11.92 6.43 14.27
C TYR B 306 11.98 7.36 13.05
N LEU B 307 10.89 8.05 12.77
CA LEU B 307 10.85 8.99 11.65
C LEU B 307 11.80 10.16 11.94
N SER B 308 11.94 10.48 13.23
CA SER B 308 12.78 11.60 13.67
C SER B 308 14.24 11.18 13.80
N ARG B 309 14.53 9.92 13.45
CA ARG B 309 15.89 9.35 13.49
C ARG B 309 16.97 10.35 13.13
#